data_2O0H
#
_entry.id   2O0H
#
_cell.length_a   61.213
_cell.length_b   62.261
_cell.length_c   126.617
_cell.angle_alpha   90.000
_cell.angle_beta   90.000
_cell.angle_gamma   90.000
#
_symmetry.space_group_name_H-M   'P 21 21 21'
#
loop_
_entity.id
_entity.type
_entity.pdbx_description
1 polymer 'DNA packaging protein Gp17'
2 non-polymer "ADENOSINE-5'-TRIPHOSPHATE"
3 water water
#
_entity_poly.entity_id   1
_entity_poly.type   'polypeptide(L)'
_entity_poly.pdbx_seq_one_letter_code
;MGSSHHHHHHSSGLVPRGSHMLEDPMEQPINVLNDFHPLNEAGKILIKHPSLAERKDEDGIHWIKSQWDGKWYPEKFSDY
LRLHKIVKIPNNSDKPELFQTYKDKNNKRSRYMGLPNLKRANIKTQWTREMVEEWKKCRDDIVYFAETYCAITHIDYGVI
KVQLRDYQRDMLKIMSSKRMTVCNLSRQLGKTTVVAIFLAHFVCFNKDKAVGILAHKGSMSAEVLDRTKQAIELLPDFLQ
PGIVEWNKGSIELDNGSSIGAYASSPDAVRGNSFAMIYIEDCAFIPNFHDSWLAIQPVISSGRRSKIIITTTPNGLNHFY
DIWTAAVEGKSGFEPYTAIWNSVKERLYNDEDIFDDGWQWSIQTINGSSLAQFRQEHTAAFEGTS
;
_entity_poly.pdbx_strand_id   A
#
# COMPACT_ATOMS: atom_id res chain seq x y z
N MET A 26 -27.74 -41.84 18.24
CA MET A 26 -27.59 -40.73 17.26
C MET A 26 -26.52 -39.74 17.67
N GLU A 27 -25.56 -39.49 16.78
CA GLU A 27 -24.49 -38.54 17.03
C GLU A 27 -25.03 -37.19 16.58
N GLN A 28 -24.19 -36.16 16.56
CA GLN A 28 -24.66 -34.83 16.14
C GLN A 28 -25.71 -34.92 15.03
N PRO A 29 -26.64 -33.95 14.98
CA PRO A 29 -27.71 -33.89 13.99
C PRO A 29 -27.34 -34.31 12.56
N ILE A 30 -28.37 -34.45 11.74
CA ILE A 30 -28.22 -34.87 10.35
C ILE A 30 -27.43 -33.90 9.48
N ASN A 31 -27.98 -32.71 9.26
CA ASN A 31 -27.35 -31.71 8.41
C ASN A 31 -26.35 -30.77 9.08
N VAL A 32 -25.38 -31.33 9.79
CA VAL A 32 -24.37 -30.52 10.45
C VAL A 32 -22.99 -30.91 9.94
N LEU A 33 -22.24 -29.93 9.47
CA LEU A 33 -20.89 -30.16 8.95
C LEU A 33 -19.99 -30.82 9.97
N ASN A 34 -19.10 -31.69 9.50
CA ASN A 34 -18.18 -32.42 10.37
C ASN A 34 -16.83 -31.72 10.52
N ASP A 35 -16.65 -30.61 9.82
CA ASP A 35 -15.39 -29.86 9.88
C ASP A 35 -15.51 -28.67 10.83
N PHE A 36 -14.56 -28.52 11.74
CA PHE A 36 -14.58 -27.42 12.69
C PHE A 36 -13.33 -26.54 12.57
N HIS A 37 -13.44 -25.29 13.00
CA HIS A 37 -12.35 -24.33 12.91
C HIS A 37 -12.17 -23.62 14.26
N PRO A 38 -10.92 -23.53 14.74
CA PRO A 38 -10.63 -22.89 16.03
C PRO A 38 -11.10 -21.43 16.13
N LEU A 39 -11.23 -20.76 14.99
CA LEU A 39 -11.68 -19.38 14.99
C LEU A 39 -13.15 -19.30 15.40
N ASN A 40 -13.90 -20.37 15.20
CA ASN A 40 -15.31 -20.43 15.58
C ASN A 40 -15.32 -21.01 17.00
N GLU A 41 -14.66 -20.29 17.89
CA GLU A 41 -14.50 -20.70 19.29
C GLU A 41 -15.74 -20.80 20.17
N ALA A 42 -16.77 -20.02 19.90
CA ALA A 42 -17.95 -20.09 20.76
C ALA A 42 -19.26 -19.58 20.16
N GLY A 43 -20.11 -20.52 19.76
CA GLY A 43 -21.41 -20.17 19.19
C GLY A 43 -21.41 -19.19 18.03
N LYS A 44 -20.34 -18.43 17.88
CA LYS A 44 -20.24 -17.45 16.80
C LYS A 44 -19.41 -17.97 15.64
N ILE A 45 -20.03 -18.01 14.47
CA ILE A 45 -19.37 -18.48 13.26
C ILE A 45 -18.65 -17.31 12.57
N LEU A 46 -17.34 -17.23 12.75
CA LEU A 46 -16.55 -16.16 12.13
C LEU A 46 -16.08 -16.55 10.74
N ILE A 47 -15.97 -17.85 10.49
CA ILE A 47 -15.57 -18.31 9.17
C ILE A 47 -16.44 -19.47 8.73
N LYS A 48 -17.15 -19.29 7.61
CA LYS A 48 -18.03 -20.30 7.08
C LYS A 48 -17.26 -21.34 6.26
N HIS A 49 -17.65 -22.61 6.37
CA HIS A 49 -17.00 -23.68 5.64
C HIS A 49 -17.21 -23.42 4.15
N PRO A 50 -16.17 -23.66 3.32
CA PRO A 50 -16.27 -23.44 1.88
C PRO A 50 -17.33 -24.27 1.14
N SER A 51 -17.67 -25.44 1.67
CA SER A 51 -18.68 -26.30 1.03
C SER A 51 -20.07 -25.66 1.04
N LEU A 52 -20.25 -24.61 1.84
CA LEU A 52 -21.55 -23.95 1.91
C LEU A 52 -21.67 -22.79 0.93
N ALA A 53 -20.56 -22.43 0.27
CA ALA A 53 -20.56 -21.31 -0.65
C ALA A 53 -21.26 -21.55 -1.99
N GLU A 54 -21.66 -20.46 -2.64
CA GLU A 54 -22.31 -20.53 -3.95
C GLU A 54 -21.24 -20.92 -4.97
N ARG A 55 -21.66 -21.64 -6.01
CA ARG A 55 -20.76 -22.08 -7.07
C ARG A 55 -21.38 -21.81 -8.44
N LYS A 56 -20.54 -21.74 -9.47
CA LYS A 56 -21.03 -21.52 -10.82
C LYS A 56 -19.96 -21.85 -11.85
N ASP A 57 -20.40 -22.07 -13.09
CA ASP A 57 -19.48 -22.35 -14.18
C ASP A 57 -19.57 -21.16 -15.12
N GLU A 58 -18.43 -20.69 -15.57
CA GLU A 58 -18.40 -19.55 -16.46
C GLU A 58 -17.02 -19.43 -17.09
N ASP A 59 -16.98 -18.96 -18.32
CA ASP A 59 -15.72 -18.83 -19.03
C ASP A 59 -14.93 -20.13 -19.05
N GLY A 60 -15.64 -21.27 -19.03
CA GLY A 60 -14.97 -22.55 -19.09
C GLY A 60 -14.33 -23.12 -17.82
N ILE A 61 -14.57 -22.49 -16.67
CA ILE A 61 -14.02 -22.99 -15.42
C ILE A 61 -15.04 -22.89 -14.29
N HIS A 62 -14.76 -23.54 -13.17
CA HIS A 62 -15.65 -23.53 -12.01
C HIS A 62 -15.26 -22.38 -11.09
N TRP A 63 -16.26 -21.67 -10.56
CA TRP A 63 -16.02 -20.53 -9.67
C TRP A 63 -16.71 -20.72 -8.32
N ILE A 64 -16.13 -20.13 -7.27
CA ILE A 64 -16.69 -20.21 -5.93
C ILE A 64 -16.74 -18.80 -5.35
N LYS A 65 -17.84 -18.47 -4.69
CA LYS A 65 -18.01 -17.14 -4.11
C LYS A 65 -17.39 -17.03 -2.72
N SER A 66 -16.59 -15.98 -2.51
CA SER A 66 -15.93 -15.75 -1.24
C SER A 66 -16.85 -15.05 -0.25
N GLN A 67 -16.77 -15.45 1.01
CA GLN A 67 -17.59 -14.87 2.08
C GLN A 67 -17.00 -13.54 2.54
N TRP A 68 -15.75 -13.28 2.17
CA TRP A 68 -15.08 -12.07 2.61
C TRP A 68 -15.41 -10.81 1.83
N ASP A 69 -15.65 -10.95 0.53
CA ASP A 69 -15.95 -9.79 -0.30
C ASP A 69 -17.09 -10.01 -1.28
N GLY A 70 -17.71 -11.20 -1.23
CA GLY A 70 -18.81 -11.48 -2.13
C GLY A 70 -18.39 -11.64 -3.59
N LYS A 71 -17.08 -11.76 -3.83
CA LYS A 71 -16.58 -11.91 -5.19
C LYS A 71 -16.35 -13.37 -5.60
N TRP A 72 -16.31 -13.61 -6.91
CA TRP A 72 -16.08 -14.95 -7.45
C TRP A 72 -14.62 -15.24 -7.70
N TYR A 73 -14.18 -16.44 -7.31
CA TYR A 73 -12.80 -16.85 -7.49
C TYR A 73 -12.74 -18.23 -8.14
N PRO A 74 -11.74 -18.47 -9.01
CA PRO A 74 -11.61 -19.75 -9.68
C PRO A 74 -11.37 -20.84 -8.63
N GLU A 75 -11.91 -22.03 -8.86
CA GLU A 75 -11.73 -23.12 -7.92
C GLU A 75 -10.26 -23.56 -7.87
N LYS A 76 -9.61 -23.50 -9.03
CA LYS A 76 -8.21 -23.91 -9.14
C LYS A 76 -7.25 -22.73 -9.09
N PHE A 77 -6.22 -22.85 -8.26
CA PHE A 77 -5.24 -21.80 -8.12
C PHE A 77 -4.59 -21.53 -9.47
N SER A 78 -4.42 -22.58 -10.28
CA SER A 78 -3.79 -22.41 -11.59
C SER A 78 -4.56 -21.40 -12.43
N ASP A 79 -5.89 -21.40 -12.32
CA ASP A 79 -6.69 -20.46 -13.07
C ASP A 79 -6.61 -19.06 -12.47
N TYR A 80 -6.55 -18.99 -11.15
CA TYR A 80 -6.42 -17.72 -10.46
C TYR A 80 -5.16 -17.01 -10.99
N LEU A 81 -4.06 -17.75 -11.06
CA LEU A 81 -2.80 -17.19 -11.55
C LEU A 81 -2.87 -16.87 -13.03
N ARG A 82 -3.43 -17.81 -13.79
CA ARG A 82 -3.57 -17.68 -15.24
C ARG A 82 -4.31 -16.40 -15.61
N LEU A 83 -5.33 -16.05 -14.84
CA LEU A 83 -6.11 -14.86 -15.14
C LEU A 83 -5.42 -13.54 -14.79
N HIS A 84 -4.23 -13.61 -14.21
CA HIS A 84 -3.48 -12.40 -13.88
C HIS A 84 -2.61 -11.96 -15.04
N LYS A 85 -2.57 -10.66 -15.30
CA LYS A 85 -1.77 -10.14 -16.40
C LYS A 85 -0.30 -10.02 -16.02
N ILE A 86 0.55 -10.63 -16.83
CA ILE A 86 1.99 -10.56 -16.60
C ILE A 86 2.53 -9.64 -17.68
N VAL A 87 2.92 -8.44 -17.26
CA VAL A 87 3.43 -7.43 -18.19
C VAL A 87 4.69 -6.80 -17.64
N LYS A 88 5.77 -6.84 -18.41
CA LYS A 88 7.03 -6.25 -17.97
C LYS A 88 7.09 -4.75 -18.24
N ILE A 89 7.96 -4.08 -17.51
CA ILE A 89 8.16 -2.65 -17.69
C ILE A 89 9.07 -2.51 -18.89
N PRO A 90 8.51 -2.05 -20.03
CA PRO A 90 9.28 -1.88 -21.26
C PRO A 90 10.54 -1.07 -21.07
N ASN A 91 11.65 -1.57 -21.60
CA ASN A 91 12.91 -0.84 -21.51
C ASN A 91 13.10 -0.20 -22.89
N ASN A 92 13.02 1.12 -22.92
CA ASN A 92 13.16 1.85 -24.18
C ASN A 92 13.90 3.17 -23.99
N SER A 93 15.14 3.20 -24.48
CA SER A 93 15.97 4.40 -24.39
C SER A 93 16.42 4.88 -25.76
N ASP A 94 15.67 4.51 -26.80
CA ASP A 94 16.00 4.90 -28.17
C ASP A 94 14.85 5.54 -28.93
N LYS A 95 13.63 5.37 -28.43
CA LYS A 95 12.47 5.97 -29.11
C LYS A 95 11.70 6.93 -28.25
N PRO A 96 12.03 8.23 -28.33
CA PRO A 96 11.34 9.26 -27.56
C PRO A 96 9.87 9.40 -27.95
N GLU A 97 9.52 8.94 -29.15
CA GLU A 97 8.13 9.02 -29.59
C GLU A 97 7.27 8.10 -28.72
N LEU A 98 7.94 7.18 -28.04
CA LEU A 98 7.27 6.25 -27.14
C LEU A 98 7.62 6.74 -25.73
N PHE A 99 7.27 8.00 -25.48
CA PHE A 99 7.54 8.69 -24.22
C PHE A 99 7.03 7.95 -22.97
N GLN A 100 6.00 7.14 -23.13
CA GLN A 100 5.42 6.41 -22.01
C GLN A 100 6.38 5.39 -21.41
N THR A 101 7.28 4.87 -22.24
CA THR A 101 8.26 3.89 -21.79
C THR A 101 9.66 4.42 -21.98
N TYR A 102 9.77 5.61 -22.56
CA TYR A 102 11.06 6.21 -22.85
C TYR A 102 11.81 6.85 -21.68
N LYS A 103 13.11 6.60 -21.64
CA LYS A 103 14.02 7.13 -20.63
C LYS A 103 15.34 7.33 -21.37
N ASP A 104 15.83 8.56 -21.43
CA ASP A 104 17.07 8.85 -22.13
C ASP A 104 18.30 8.63 -21.25
N LYS A 105 18.59 7.36 -20.97
CA LYS A 105 19.73 6.99 -20.14
C LYS A 105 21.06 6.96 -20.90
N ASN A 106 21.02 6.56 -22.16
CA ASN A 106 22.22 6.49 -22.99
C ASN A 106 22.93 7.85 -23.08
N ASN A 107 22.16 8.92 -23.05
CA ASN A 107 22.73 10.27 -23.11
C ASN A 107 22.98 10.79 -21.69
N LYS A 108 24.19 10.53 -21.19
CA LYS A 108 24.55 10.95 -19.84
C LYS A 108 24.29 12.41 -19.49
N ARG A 109 24.21 13.28 -20.48
CA ARG A 109 23.98 14.70 -20.19
C ARG A 109 22.67 14.94 -19.45
N SER A 110 21.62 14.27 -19.90
CA SER A 110 20.29 14.40 -19.29
C SER A 110 20.19 13.63 -17.98
N ARG A 111 21.22 12.84 -17.67
CA ARG A 111 21.23 12.04 -16.46
C ARG A 111 21.73 12.80 -15.24
N TYR A 112 21.15 12.47 -14.08
CA TYR A 112 21.52 13.10 -12.82
C TYR A 112 22.82 12.43 -12.35
N MET A 113 23.93 13.15 -12.52
CA MET A 113 25.24 12.65 -12.12
C MET A 113 25.52 11.24 -12.66
N GLY A 114 25.44 11.10 -13.97
CA GLY A 114 25.71 9.82 -14.61
C GLY A 114 24.80 8.66 -14.26
N LEU A 115 23.79 8.91 -13.44
CA LEU A 115 22.85 7.86 -13.05
C LEU A 115 21.87 7.57 -14.18
N PRO A 116 21.98 6.39 -14.80
CA PRO A 116 21.12 5.92 -15.90
C PRO A 116 19.62 6.10 -15.71
N ASN A 117 19.12 5.71 -14.53
CA ASN A 117 17.69 5.79 -14.24
C ASN A 117 17.14 7.13 -13.74
N LEU A 118 18.03 8.06 -13.40
CA LEU A 118 17.61 9.36 -12.90
C LEU A 118 17.78 10.52 -13.87
N LYS A 119 16.76 11.35 -13.98
CA LYS A 119 16.77 12.51 -14.86
C LYS A 119 17.32 13.72 -14.11
N ARG A 120 18.07 14.55 -14.82
CA ARG A 120 18.66 15.75 -14.22
C ARG A 120 17.63 16.87 -14.13
N ALA A 121 17.84 17.78 -13.18
CA ALA A 121 16.93 18.90 -12.96
C ALA A 121 17.07 20.07 -13.92
N ASN A 122 16.07 20.94 -13.89
CA ASN A 122 16.01 22.16 -14.71
C ASN A 122 16.36 21.98 -16.19
N ILE A 123 16.09 20.80 -16.74
CA ILE A 123 16.39 20.55 -18.15
C ILE A 123 15.20 20.94 -19.01
N LYS A 124 15.26 22.13 -19.59
CA LYS A 124 14.19 22.63 -20.44
C LYS A 124 13.86 21.59 -21.50
N THR A 125 12.61 21.14 -21.53
CA THR A 125 12.18 20.14 -22.48
C THR A 125 10.91 20.53 -23.22
N GLN A 126 10.72 19.96 -24.40
CA GLN A 126 9.56 20.23 -25.23
C GLN A 126 8.62 19.03 -25.22
N TRP A 127 7.32 19.29 -25.00
CA TRP A 127 6.32 18.24 -24.95
C TRP A 127 5.28 18.35 -26.05
N THR A 128 4.57 17.25 -26.28
CA THR A 128 3.51 17.22 -27.27
C THR A 128 2.19 17.26 -26.49
N ARG A 129 1.08 17.37 -27.22
CA ARG A 129 -0.24 17.44 -26.61
C ARG A 129 -0.58 16.15 -25.85
N GLU A 130 -0.35 15.00 -26.49
CA GLU A 130 -0.65 13.72 -25.88
C GLU A 130 0.12 13.50 -24.58
N MET A 131 1.33 14.06 -24.52
CA MET A 131 2.18 13.92 -23.35
C MET A 131 1.62 14.68 -22.16
N VAL A 132 1.07 15.88 -22.42
CA VAL A 132 0.49 16.68 -21.35
C VAL A 132 -0.75 15.97 -20.80
N GLU A 133 -1.55 15.41 -21.70
CA GLU A 133 -2.76 14.69 -21.29
C GLU A 133 -2.47 13.43 -20.50
N GLU A 134 -1.42 12.72 -20.87
CA GLU A 134 -1.06 11.49 -20.17
C GLU A 134 -0.50 11.84 -18.79
N TRP A 135 0.20 12.97 -18.71
CA TRP A 135 0.77 13.41 -17.43
C TRP A 135 -0.37 13.80 -16.49
N LYS A 136 -1.37 14.48 -17.03
CA LYS A 136 -2.53 14.92 -16.25
C LYS A 136 -3.38 13.74 -15.82
N LYS A 137 -3.46 12.73 -16.67
CA LYS A 137 -4.23 11.53 -16.37
C LYS A 137 -3.61 10.82 -15.15
N CYS A 138 -2.28 10.80 -15.08
CA CYS A 138 -1.61 10.17 -13.95
C CYS A 138 -1.81 11.00 -12.69
N ARG A 139 -1.69 12.32 -12.84
CA ARG A 139 -1.88 13.24 -11.72
C ARG A 139 -3.26 13.05 -11.08
N ASP A 140 -4.29 12.85 -11.91
CA ASP A 140 -5.67 12.72 -11.43
C ASP A 140 -6.24 11.30 -11.23
N ASP A 141 -5.48 10.27 -11.59
CA ASP A 141 -5.95 8.89 -11.43
C ASP A 141 -4.79 8.09 -10.85
N ILE A 142 -4.67 8.11 -9.52
CA ILE A 142 -3.58 7.41 -8.86
C ILE A 142 -3.52 5.91 -9.13
N VAL A 143 -4.67 5.25 -9.25
CA VAL A 143 -4.70 3.81 -9.52
C VAL A 143 -4.17 3.51 -10.93
N TYR A 144 -4.54 4.34 -11.89
CA TYR A 144 -4.04 4.18 -13.26
C TYR A 144 -2.53 4.35 -13.27
N PHE A 145 -2.06 5.35 -12.55
CA PHE A 145 -0.62 5.61 -12.47
C PHE A 145 0.13 4.41 -11.90
N ALA A 146 -0.43 3.83 -10.84
CA ALA A 146 0.20 2.70 -10.18
C ALA A 146 0.28 1.46 -11.07
N GLU A 147 -0.81 1.10 -11.72
CA GLU A 147 -0.83 -0.10 -12.53
C GLU A 147 -0.26 0.04 -13.93
N THR A 148 0.13 1.26 -14.30
CA THR A 148 0.70 1.48 -15.62
C THR A 148 2.20 1.76 -15.55
N TYR A 149 2.61 2.51 -14.52
CA TYR A 149 4.01 2.87 -14.36
C TYR A 149 4.75 2.37 -13.14
N CYS A 150 4.08 1.61 -12.28
CA CYS A 150 4.74 1.10 -11.08
C CYS A 150 4.87 -0.41 -11.16
N ALA A 151 5.83 -0.97 -10.44
CA ALA A 151 6.04 -2.40 -10.50
C ALA A 151 6.44 -3.09 -9.21
N ILE A 152 6.47 -4.43 -9.28
CA ILE A 152 6.88 -5.27 -8.17
C ILE A 152 7.79 -6.34 -8.79
N THR A 153 8.59 -7.01 -7.96
CA THR A 153 9.48 -8.03 -8.47
C THR A 153 8.88 -9.43 -8.39
N HIS A 154 8.80 -10.09 -9.53
CA HIS A 154 8.26 -11.45 -9.59
C HIS A 154 9.45 -12.41 -9.47
N ILE A 155 9.32 -13.37 -8.57
CA ILE A 155 10.37 -14.36 -8.33
C ILE A 155 11.04 -14.90 -9.60
N ASP A 156 10.23 -15.20 -10.61
CA ASP A 156 10.76 -15.74 -11.86
C ASP A 156 10.51 -14.87 -13.07
N TYR A 157 9.27 -14.38 -13.24
CA TYR A 157 8.96 -13.52 -14.38
C TYR A 157 9.78 -12.23 -14.32
N GLY A 158 10.24 -11.88 -13.12
CA GLY A 158 11.04 -10.67 -12.96
C GLY A 158 10.23 -9.44 -12.60
N VAL A 159 10.81 -8.27 -12.86
CA VAL A 159 10.16 -6.98 -12.58
C VAL A 159 9.01 -6.73 -13.56
N ILE A 160 7.78 -6.73 -13.04
CA ILE A 160 6.60 -6.53 -13.86
C ILE A 160 5.67 -5.44 -13.30
N LYS A 161 4.76 -4.96 -14.13
CA LYS A 161 3.79 -3.95 -13.71
C LYS A 161 2.93 -4.53 -12.59
N VAL A 162 2.68 -3.75 -11.56
CA VAL A 162 1.90 -4.22 -10.44
C VAL A 162 0.39 -4.24 -10.70
N GLN A 163 -0.25 -5.33 -10.29
CA GLN A 163 -1.69 -5.46 -10.38
C GLN A 163 -2.05 -5.29 -8.91
N LEU A 164 -2.64 -4.16 -8.55
CA LEU A 164 -2.99 -3.90 -7.16
C LEU A 164 -4.03 -4.85 -6.64
N ARG A 165 -3.87 -5.25 -5.37
CA ARG A 165 -4.85 -6.12 -4.73
C ARG A 165 -6.00 -5.17 -4.45
N ASP A 166 -7.21 -5.68 -4.29
CA ASP A 166 -8.35 -4.79 -4.06
C ASP A 166 -8.16 -3.84 -2.87
N TYR A 167 -7.60 -4.32 -1.76
CA TYR A 167 -7.40 -3.47 -0.59
C TYR A 167 -6.38 -2.36 -0.88
N GLN A 168 -5.38 -2.67 -1.71
CA GLN A 168 -4.36 -1.68 -2.05
C GLN A 168 -5.00 -0.59 -2.89
N ARG A 169 -5.88 -0.99 -3.80
CA ARG A 169 -6.58 -0.03 -4.64
C ARG A 169 -7.47 0.88 -3.78
N ASP A 170 -8.19 0.31 -2.82
CA ASP A 170 -9.07 1.11 -1.97
C ASP A 170 -8.25 2.05 -1.08
N MET A 171 -7.13 1.54 -0.57
CA MET A 171 -6.26 2.30 0.32
C MET A 171 -5.68 3.50 -0.42
N LEU A 172 -5.23 3.27 -1.66
CA LEU A 172 -4.66 4.36 -2.47
C LEU A 172 -5.68 5.47 -2.72
N LYS A 173 -6.90 5.07 -3.05
CA LYS A 173 -7.95 6.02 -3.33
C LYS A 173 -8.33 6.84 -2.10
N ILE A 174 -8.38 6.20 -0.93
CA ILE A 174 -8.70 6.89 0.31
C ILE A 174 -7.58 7.83 0.75
N MET A 175 -6.33 7.36 0.73
CA MET A 175 -5.22 8.22 1.14
C MET A 175 -5.15 9.46 0.25
N SER A 176 -5.46 9.28 -1.02
CA SER A 176 -5.42 10.38 -1.96
C SER A 176 -6.60 11.35 -1.83
N SER A 177 -7.81 10.82 -1.63
CA SER A 177 -8.98 11.69 -1.53
C SER A 177 -9.28 12.35 -0.18
N LYS A 178 -8.81 11.75 0.91
CA LYS A 178 -9.08 12.31 2.26
C LYS A 178 -7.83 13.04 2.76
N ARG A 179 -8.03 14.10 3.55
CA ARG A 179 -6.87 14.85 4.05
C ARG A 179 -6.11 14.05 5.09
N MET A 180 -6.85 13.37 5.96
CA MET A 180 -6.23 12.58 7.02
C MET A 180 -6.82 11.19 7.05
N THR A 181 -5.93 10.20 7.05
CA THR A 181 -6.34 8.81 7.04
C THR A 181 -5.62 8.00 8.09
N VAL A 182 -6.34 7.09 8.76
CA VAL A 182 -5.71 6.20 9.74
C VAL A 182 -6.07 4.78 9.30
N CYS A 183 -5.05 3.94 9.11
CA CYS A 183 -5.24 2.56 8.66
C CYS A 183 -4.87 1.51 9.69
N ASN A 184 -5.84 0.67 10.03
CA ASN A 184 -5.64 -0.43 10.97
C ASN A 184 -5.50 -1.66 10.08
N LEU A 185 -4.28 -2.16 9.94
CA LEU A 185 -4.01 -3.29 9.07
C LEU A 185 -3.47 -4.52 9.80
N SER A 186 -3.50 -5.66 9.11
CA SER A 186 -2.97 -6.88 9.67
C SER A 186 -1.55 -6.99 9.11
N ARG A 187 -0.80 -8.00 9.53
CA ARG A 187 0.56 -8.12 9.04
C ARG A 187 0.74 -8.81 7.69
N GLN A 188 1.86 -8.51 7.04
CA GLN A 188 2.21 -9.10 5.75
C GLN A 188 1.13 -9.02 4.67
N LEU A 189 0.69 -7.79 4.38
CA LEU A 189 -0.33 -7.55 3.36
C LEU A 189 0.28 -6.88 2.14
N GLY A 190 1.56 -6.53 2.24
CA GLY A 190 2.24 -5.86 1.15
C GLY A 190 1.91 -4.37 1.15
N LYS A 191 1.65 -3.81 2.32
CA LYS A 191 1.28 -2.40 2.42
C LYS A 191 2.38 -1.40 2.09
N THR A 192 3.63 -1.77 2.27
CA THR A 192 4.72 -0.84 1.96
C THR A 192 4.73 -0.51 0.48
N THR A 193 4.33 -1.48 -0.32
CA THR A 193 4.27 -1.30 -1.77
C THR A 193 3.31 -0.18 -2.13
N VAL A 194 2.14 -0.16 -1.50
CA VAL A 194 1.16 0.88 -1.77
C VAL A 194 1.59 2.22 -1.16
N VAL A 195 2.17 2.20 0.04
CA VAL A 195 2.62 3.44 0.65
C VAL A 195 3.69 4.10 -0.24
N ALA A 196 4.64 3.31 -0.71
CA ALA A 196 5.71 3.82 -1.58
C ALA A 196 5.12 4.48 -2.83
N ILE A 197 4.18 3.79 -3.47
CA ILE A 197 3.54 4.30 -4.68
C ILE A 197 2.80 5.60 -4.40
N PHE A 198 2.11 5.65 -3.27
CA PHE A 198 1.36 6.84 -2.88
C PHE A 198 2.29 8.03 -2.68
N LEU A 199 3.39 7.82 -1.98
CA LEU A 199 4.33 8.91 -1.73
C LEU A 199 4.99 9.34 -3.03
N ALA A 200 5.37 8.38 -3.87
CA ALA A 200 5.99 8.70 -5.15
C ALA A 200 5.01 9.55 -5.96
N HIS A 201 3.74 9.16 -5.96
CA HIS A 201 2.73 9.91 -6.69
C HIS A 201 2.57 11.32 -6.15
N PHE A 202 2.52 11.45 -4.82
CA PHE A 202 2.34 12.74 -4.17
C PHE A 202 3.43 13.75 -4.56
N VAL A 203 4.69 13.37 -4.42
CA VAL A 203 5.77 14.29 -4.76
C VAL A 203 6.02 14.49 -6.25
N CYS A 204 5.54 13.59 -7.08
CA CYS A 204 5.74 13.74 -8.52
C CYS A 204 4.68 14.59 -9.19
N PHE A 205 3.49 14.66 -8.60
CA PHE A 205 2.42 15.44 -9.21
C PHE A 205 1.90 16.63 -8.41
N ASN A 206 2.69 17.07 -7.43
CA ASN A 206 2.35 18.21 -6.59
C ASN A 206 3.63 19.02 -6.43
N LYS A 207 3.51 20.34 -6.46
CA LYS A 207 4.70 21.18 -6.32
C LYS A 207 4.86 21.75 -4.92
N ASP A 208 6.11 21.98 -4.54
CA ASP A 208 6.47 22.54 -3.25
C ASP A 208 5.86 21.84 -2.03
N LYS A 209 5.74 20.53 -2.09
CA LYS A 209 5.19 19.75 -0.98
C LYS A 209 6.30 19.04 -0.22
N ALA A 210 6.48 19.40 1.04
CA ALA A 210 7.49 18.78 1.90
C ALA A 210 6.82 17.62 2.65
N VAL A 211 7.31 16.41 2.41
CA VAL A 211 6.77 15.22 3.06
C VAL A 211 7.70 14.72 4.14
N GLY A 212 7.14 14.37 5.30
CA GLY A 212 7.95 13.86 6.38
C GLY A 212 7.51 12.46 6.75
N ILE A 213 8.46 11.53 6.78
CA ILE A 213 8.19 10.14 7.15
C ILE A 213 8.69 9.92 8.58
N LEU A 214 7.79 9.56 9.50
CA LEU A 214 8.16 9.32 10.88
C LEU A 214 7.96 7.86 11.28
N ALA A 215 8.89 7.34 12.08
CA ALA A 215 8.83 5.97 12.58
C ALA A 215 9.56 5.90 13.91
N HIS A 216 9.43 4.77 14.59
CA HIS A 216 10.11 4.58 15.87
C HIS A 216 11.59 4.87 15.68
N LYS A 217 12.20 4.14 14.75
CA LYS A 217 13.62 4.29 14.44
C LYS A 217 13.81 5.00 13.12
N GLY A 218 14.84 5.85 13.04
CA GLY A 218 15.12 6.57 11.82
C GLY A 218 15.42 5.64 10.67
N SER A 219 16.00 4.48 10.97
CA SER A 219 16.31 3.51 9.93
C SER A 219 15.04 2.95 9.31
N MET A 220 13.96 2.91 10.09
CA MET A 220 12.69 2.40 9.59
C MET A 220 12.14 3.39 8.57
N SER A 221 12.25 4.68 8.86
CA SER A 221 11.78 5.70 7.92
C SER A 221 12.63 5.70 6.67
N ALA A 222 13.94 5.48 6.83
CA ALA A 222 14.84 5.43 5.69
C ALA A 222 14.44 4.32 4.73
N GLU A 223 13.91 3.22 5.26
CA GLU A 223 13.49 2.11 4.42
C GLU A 223 12.25 2.50 3.62
N VAL A 224 11.31 3.17 4.25
CA VAL A 224 10.11 3.62 3.53
C VAL A 224 10.56 4.57 2.43
N LEU A 225 11.51 5.45 2.76
CA LEU A 225 12.02 6.39 1.75
C LEU A 225 12.71 5.65 0.61
N ASP A 226 13.46 4.60 0.93
CA ASP A 226 14.15 3.83 -0.09
C ASP A 226 13.16 3.18 -1.07
N ARG A 227 12.06 2.64 -0.56
CA ARG A 227 11.06 2.02 -1.41
C ARG A 227 10.43 3.08 -2.31
N THR A 228 10.22 4.27 -1.76
CA THR A 228 9.64 5.35 -2.54
C THR A 228 10.63 5.79 -3.64
N LYS A 229 11.91 5.85 -3.32
CA LYS A 229 12.92 6.25 -4.31
C LYS A 229 12.96 5.23 -5.44
N GLN A 230 12.80 3.96 -5.09
CA GLN A 230 12.81 2.90 -6.09
C GLN A 230 11.69 3.08 -7.10
N ALA A 231 10.52 3.48 -6.61
CA ALA A 231 9.37 3.69 -7.50
C ALA A 231 9.64 4.85 -8.46
N ILE A 232 10.20 5.94 -7.94
CA ILE A 232 10.50 7.10 -8.76
C ILE A 232 11.58 6.79 -9.81
N GLU A 233 12.52 5.92 -9.47
CA GLU A 233 13.60 5.58 -10.39
C GLU A 233 13.14 4.83 -11.64
N LEU A 234 12.08 4.05 -11.53
CA LEU A 234 11.59 3.28 -12.66
C LEU A 234 10.68 4.09 -13.58
N LEU A 235 10.31 5.29 -13.14
CA LEU A 235 9.42 6.15 -13.92
C LEU A 235 10.03 6.67 -15.22
N PRO A 236 9.20 6.77 -16.28
CA PRO A 236 9.72 7.28 -17.57
C PRO A 236 10.04 8.76 -17.43
N ASP A 237 10.86 9.27 -18.36
CA ASP A 237 11.27 10.67 -18.32
C ASP A 237 10.15 11.70 -18.13
N PHE A 238 9.05 11.55 -18.86
CA PHE A 238 7.97 12.53 -18.77
C PHE A 238 7.22 12.57 -17.43
N LEU A 239 7.20 11.45 -16.71
CA LEU A 239 6.51 11.41 -15.42
C LEU A 239 7.48 11.68 -14.27
N GLN A 240 8.75 11.36 -14.51
CA GLN A 240 9.76 11.53 -13.49
C GLN A 240 10.23 12.98 -13.37
N PRO A 241 10.14 13.56 -12.17
CA PRO A 241 10.59 14.95 -12.00
C PRO A 241 12.11 15.01 -12.02
N GLY A 242 12.67 16.19 -12.31
CA GLY A 242 14.11 16.32 -12.31
C GLY A 242 14.60 16.17 -10.88
N ILE A 243 15.66 15.41 -10.69
CA ILE A 243 16.20 15.20 -9.35
C ILE A 243 17.13 16.33 -8.95
N VAL A 244 16.91 16.88 -7.75
CA VAL A 244 17.73 17.96 -7.24
C VAL A 244 18.65 17.45 -6.13
N GLU A 245 18.14 16.52 -5.33
CA GLU A 245 18.89 15.92 -4.23
C GLU A 245 18.47 14.46 -4.12
N TRP A 246 19.41 13.60 -3.75
CA TRP A 246 19.12 12.17 -3.63
C TRP A 246 20.02 11.56 -2.56
N ASN A 247 19.57 11.63 -1.31
CA ASN A 247 20.32 11.08 -0.18
C ASN A 247 19.61 9.88 0.44
N LYS A 248 20.21 9.31 1.48
CA LYS A 248 19.63 8.16 2.16
C LYS A 248 18.56 8.64 3.13
N GLY A 249 18.72 9.87 3.62
CA GLY A 249 17.76 10.43 4.55
C GLY A 249 16.78 11.41 3.95
N SER A 250 16.93 11.72 2.67
CA SER A 250 16.02 12.67 2.02
C SER A 250 16.25 12.87 0.51
N ILE A 251 15.23 13.40 -0.15
CA ILE A 251 15.31 13.67 -1.58
C ILE A 251 14.56 14.96 -1.89
N GLU A 252 14.91 15.60 -3.00
CA GLU A 252 14.27 16.84 -3.44
C GLU A 252 14.14 16.82 -4.95
N LEU A 253 12.99 17.23 -5.46
CA LEU A 253 12.73 17.22 -6.89
C LEU A 253 12.68 18.62 -7.49
N ASP A 254 12.69 18.68 -8.81
CA ASP A 254 12.67 19.96 -9.54
C ASP A 254 11.42 20.78 -9.26
N ASN A 255 10.31 20.11 -8.94
CA ASN A 255 9.06 20.81 -8.68
C ASN A 255 8.98 21.37 -7.26
N GLY A 256 10.10 21.34 -6.54
CA GLY A 256 10.13 21.86 -5.19
C GLY A 256 9.64 20.93 -4.09
N SER A 257 9.15 19.74 -4.47
CA SER A 257 8.67 18.80 -3.46
C SER A 257 9.84 17.96 -2.92
N SER A 258 9.67 17.44 -1.71
CA SER A 258 10.73 16.66 -1.08
C SER A 258 10.18 15.67 -0.07
N ILE A 259 11.05 14.76 0.36
CA ILE A 259 10.69 13.77 1.38
C ILE A 259 11.87 13.62 2.34
N GLY A 260 11.59 13.58 3.63
CA GLY A 260 12.63 13.40 4.61
C GLY A 260 12.24 12.27 5.56
N ALA A 261 13.22 11.48 5.98
CA ALA A 261 12.98 10.36 6.89
C ALA A 261 13.44 10.76 8.30
N TYR A 262 12.55 10.66 9.28
CA TYR A 262 12.88 11.03 10.65
C TYR A 262 12.39 10.02 11.68
N ALA A 263 12.94 10.16 12.88
CA ALA A 263 12.54 9.32 14.00
C ALA A 263 11.45 10.16 14.67
N SER A 264 10.33 9.52 14.99
CA SER A 264 9.22 10.24 15.61
C SER A 264 9.58 10.93 16.93
N SER A 265 9.26 12.22 17.02
CA SER A 265 9.51 13.03 18.21
C SER A 265 8.94 14.42 17.97
N PRO A 266 8.63 15.17 19.05
CA PRO A 266 8.07 16.51 18.87
C PRO A 266 9.02 17.40 18.09
N ASP A 267 10.32 17.24 18.34
CA ASP A 267 11.33 18.04 17.66
C ASP A 267 11.25 17.86 16.14
N ALA A 268 11.09 16.61 15.69
CA ALA A 268 10.99 16.34 14.26
C ALA A 268 9.74 16.99 13.66
N VAL A 269 8.67 17.03 14.43
CA VAL A 269 7.43 17.63 13.95
C VAL A 269 7.55 19.15 13.87
N ARG A 270 7.99 19.78 14.96
CA ARG A 270 8.16 21.23 15.03
C ARG A 270 9.29 21.72 14.12
N GLY A 271 10.29 20.87 13.88
CA GLY A 271 11.44 21.25 13.08
C GLY A 271 11.29 21.49 11.59
N ASN A 272 10.14 21.15 11.01
CA ASN A 272 9.94 21.36 9.59
C ASN A 272 8.48 21.70 9.33
N SER A 273 8.18 22.30 8.18
CA SER A 273 6.80 22.65 7.84
C SER A 273 6.29 21.70 6.77
N PHE A 274 5.79 20.55 7.21
CA PHE A 274 5.29 19.53 6.31
C PHE A 274 3.90 19.76 5.70
N ALA A 275 3.77 19.34 4.45
CA ALA A 275 2.51 19.44 3.73
C ALA A 275 1.86 18.07 3.93
N MET A 276 2.70 17.09 4.31
CA MET A 276 2.23 15.74 4.58
C MET A 276 3.14 15.01 5.55
N ILE A 277 2.53 14.37 6.55
CA ILE A 277 3.28 13.57 7.52
C ILE A 277 2.74 12.17 7.44
N TYR A 278 3.63 11.20 7.23
CA TYR A 278 3.26 9.79 7.18
C TYR A 278 3.87 9.12 8.41
N ILE A 279 3.07 8.38 9.17
CA ILE A 279 3.59 7.72 10.36
C ILE A 279 3.51 6.22 10.19
N GLU A 280 4.66 5.56 10.29
CA GLU A 280 4.77 4.12 10.13
C GLU A 280 4.68 3.34 11.44
N ASP A 281 3.92 2.25 11.42
CA ASP A 281 3.75 1.38 12.58
C ASP A 281 3.54 2.18 13.86
N CYS A 282 2.56 3.09 13.80
CA CYS A 282 2.19 3.98 14.89
C CYS A 282 1.95 3.34 16.25
N ALA A 283 1.24 2.21 16.28
CA ALA A 283 0.94 1.55 17.56
C ALA A 283 2.17 0.99 18.28
N PHE A 284 3.29 0.89 17.57
CA PHE A 284 4.50 0.36 18.18
C PHE A 284 5.57 1.42 18.44
N ILE A 285 5.16 2.68 18.50
CA ILE A 285 6.09 3.77 18.77
C ILE A 285 5.96 4.16 20.24
N PRO A 286 7.02 3.94 21.04
CA PRO A 286 7.03 4.27 22.47
C PRO A 286 6.81 5.76 22.73
N ASN A 287 5.97 6.07 23.73
CA ASN A 287 5.70 7.45 24.09
C ASN A 287 5.23 8.30 22.92
N PHE A 288 4.52 7.69 21.99
CA PHE A 288 4.04 8.43 20.82
C PHE A 288 3.18 9.64 21.22
N HIS A 289 2.58 9.57 22.40
CA HIS A 289 1.72 10.66 22.89
C HIS A 289 2.27 12.07 22.72
N ASP A 290 3.56 12.26 22.99
CA ASP A 290 4.17 13.58 22.85
C ASP A 290 4.24 13.99 21.38
N SER A 291 4.47 13.02 20.50
CA SER A 291 4.52 13.28 19.07
C SER A 291 3.12 13.62 18.59
N TRP A 292 2.13 12.89 19.09
CA TRP A 292 0.74 13.12 18.71
C TRP A 292 0.30 14.53 19.11
N LEU A 293 0.66 14.95 20.32
CA LEU A 293 0.30 16.29 20.77
C LEU A 293 0.91 17.32 19.82
N ALA A 294 2.19 17.15 19.51
CA ALA A 294 2.89 18.05 18.62
C ALA A 294 2.28 18.11 17.22
N ILE A 295 1.64 17.03 16.79
CA ILE A 295 1.02 16.98 15.47
C ILE A 295 -0.32 17.73 15.40
N GLN A 296 -0.94 17.98 16.55
CA GLN A 296 -2.22 18.69 16.56
C GLN A 296 -2.17 20.06 15.89
N PRO A 297 -1.10 20.85 16.12
CA PRO A 297 -1.05 22.17 15.47
C PRO A 297 -0.91 21.98 13.95
N VAL A 298 -0.24 20.90 13.57
CA VAL A 298 -0.04 20.59 12.15
C VAL A 298 -1.40 20.27 11.52
N ILE A 299 -2.21 19.52 12.23
CA ILE A 299 -3.54 19.14 11.76
C ILE A 299 -4.45 20.35 11.61
N SER A 300 -4.44 21.20 12.63
CA SER A 300 -5.29 22.39 12.64
C SER A 300 -4.74 23.61 11.91
N SER A 301 -3.56 23.47 11.33
CA SER A 301 -2.91 24.55 10.60
C SER A 301 -3.72 24.99 9.38
N GLY A 302 -3.66 26.28 9.07
CA GLY A 302 -4.38 26.82 7.93
C GLY A 302 -3.88 26.30 6.60
N ARG A 303 -2.72 25.64 6.60
CA ARG A 303 -2.15 25.12 5.36
C ARG A 303 -2.77 23.79 4.92
N ARG A 304 -3.66 23.24 5.74
CA ARG A 304 -4.36 21.99 5.41
C ARG A 304 -3.43 20.80 5.12
N SER A 305 -2.51 20.53 6.02
CA SER A 305 -1.58 19.43 5.85
C SER A 305 -2.26 18.05 5.90
N LYS A 306 -1.71 17.09 5.15
CA LYS A 306 -2.23 15.74 5.13
C LYS A 306 -1.50 14.90 6.15
N ILE A 307 -2.21 13.97 6.78
CA ILE A 307 -1.61 13.09 7.77
C ILE A 307 -2.06 11.66 7.45
N ILE A 308 -1.11 10.75 7.31
CA ILE A 308 -1.45 9.35 7.01
C ILE A 308 -0.76 8.46 8.05
N ILE A 309 -1.55 7.62 8.71
CA ILE A 309 -1.01 6.71 9.71
C ILE A 309 -1.36 5.28 9.34
N THR A 310 -0.38 4.38 9.39
CA THR A 310 -0.64 2.97 9.12
C THR A 310 0.00 2.20 10.25
N THR A 311 -0.54 1.03 10.58
CA THR A 311 0.00 0.21 11.65
C THR A 311 -0.89 -1.00 11.89
N THR A 312 -0.36 -1.95 12.64
CA THR A 312 -1.12 -3.13 13.05
C THR A 312 -1.33 -2.80 14.52
N PRO A 313 -2.46 -3.22 15.11
CA PRO A 313 -2.75 -2.92 16.52
C PRO A 313 -1.79 -3.46 17.57
N ASN A 314 -1.73 -2.74 18.70
CA ASN A 314 -0.88 -3.10 19.82
C ASN A 314 -1.61 -2.87 21.13
N GLY A 315 -2.77 -3.50 21.29
CA GLY A 315 -3.53 -3.35 22.52
C GLY A 315 -4.24 -2.01 22.64
N LEU A 316 -4.72 -1.73 23.85
CA LEU A 316 -5.46 -0.49 24.11
C LEU A 316 -4.59 0.71 24.42
N ASN A 317 -3.58 0.98 23.59
CA ASN A 317 -2.70 2.12 23.83
C ASN A 317 -3.10 3.37 23.03
N HIS A 318 -2.15 4.25 22.79
CA HIS A 318 -2.45 5.49 22.06
C HIS A 318 -3.18 5.31 20.73
N PHE A 319 -2.78 4.31 19.95
CA PHE A 319 -3.41 4.08 18.66
C PHE A 319 -4.88 3.70 18.77
N TYR A 320 -5.22 2.91 19.78
CA TYR A 320 -6.61 2.52 19.97
C TYR A 320 -7.47 3.78 20.14
N ASP A 321 -6.94 4.77 20.86
CA ASP A 321 -7.66 6.01 21.07
C ASP A 321 -7.86 6.77 19.77
N ILE A 322 -6.81 6.84 18.96
CA ILE A 322 -6.86 7.52 17.67
C ILE A 322 -7.86 6.79 16.77
N TRP A 323 -7.70 5.48 16.69
CA TRP A 323 -8.60 4.66 15.86
C TRP A 323 -10.07 4.83 16.27
N THR A 324 -10.37 4.66 17.55
CA THR A 324 -11.74 4.78 18.02
C THR A 324 -12.37 6.14 17.68
N ALA A 325 -11.62 7.22 17.88
CA ALA A 325 -12.12 8.54 17.57
C ALA A 325 -12.53 8.61 16.10
N ALA A 326 -11.67 8.10 15.22
CA ALA A 326 -11.92 8.10 13.79
C ALA A 326 -13.16 7.27 13.43
N VAL A 327 -13.23 6.05 13.96
CA VAL A 327 -14.37 5.18 13.68
C VAL A 327 -15.67 5.81 14.21
N GLU A 328 -15.57 6.45 15.38
CA GLU A 328 -16.72 7.12 16.01
C GLU A 328 -17.09 8.42 15.30
N GLY A 329 -16.20 8.92 14.46
CA GLY A 329 -16.46 10.18 13.76
C GLY A 329 -16.25 11.36 14.69
N LYS A 330 -15.36 11.21 15.66
CA LYS A 330 -15.07 12.28 16.62
C LYS A 330 -13.80 13.04 16.26
N SER A 331 -13.24 12.75 15.09
CA SER A 331 -12.04 13.44 14.64
C SER A 331 -12.12 13.61 13.14
N GLY A 332 -11.15 14.29 12.56
CA GLY A 332 -11.18 14.50 11.12
C GLY A 332 -10.55 13.37 10.33
N PHE A 333 -10.16 12.30 11.00
CA PHE A 333 -9.52 11.18 10.31
C PHE A 333 -10.52 10.21 9.70
N GLU A 334 -10.21 9.72 8.51
CA GLU A 334 -11.04 8.73 7.84
C GLU A 334 -10.38 7.38 8.14
N PRO A 335 -11.13 6.46 8.78
CA PRO A 335 -10.59 5.15 9.12
C PRO A 335 -10.62 4.17 7.94
N TYR A 336 -9.63 3.30 7.89
CA TYR A 336 -9.57 2.29 6.83
C TYR A 336 -8.98 1.03 7.44
N THR A 337 -9.53 -0.14 7.09
CA THR A 337 -8.95 -1.36 7.62
C THR A 337 -8.95 -2.49 6.60
N ALA A 338 -7.97 -3.37 6.73
CA ALA A 338 -7.84 -4.53 5.85
C ALA A 338 -7.18 -5.62 6.70
N ILE A 339 -7.69 -6.85 6.60
CA ILE A 339 -7.13 -7.93 7.39
C ILE A 339 -6.61 -9.10 6.54
N TRP A 340 -6.25 -10.20 7.20
CA TRP A 340 -5.63 -11.35 6.52
C TRP A 340 -6.22 -11.84 5.20
N ASN A 341 -7.54 -11.77 5.04
CA ASN A 341 -8.18 -12.28 3.83
C ASN A 341 -8.04 -11.38 2.60
N SER A 342 -7.34 -10.26 2.76
CA SER A 342 -7.05 -9.32 1.68
C SER A 342 -5.98 -9.87 0.72
N VAL A 343 -5.21 -10.85 1.19
CA VAL A 343 -4.16 -11.48 0.37
C VAL A 343 -4.86 -12.74 -0.16
N LYS A 344 -5.30 -12.67 -1.41
CA LYS A 344 -6.08 -13.77 -1.98
C LYS A 344 -5.39 -15.10 -2.18
N GLU A 345 -4.06 -15.12 -2.23
CA GLU A 345 -3.34 -16.39 -2.38
C GLU A 345 -3.64 -17.24 -1.14
N ARG A 346 -3.94 -16.59 -0.02
CA ARG A 346 -4.26 -17.31 1.20
C ARG A 346 -5.58 -18.06 1.11
N LEU A 347 -6.40 -17.73 0.11
CA LEU A 347 -7.69 -18.39 -0.03
C LEU A 347 -7.66 -19.73 -0.75
N TYR A 348 -6.46 -20.20 -1.11
CA TYR A 348 -6.30 -21.48 -1.78
C TYR A 348 -5.48 -22.36 -0.87
N ASN A 349 -5.86 -23.62 -0.72
CA ASN A 349 -5.15 -24.52 0.17
C ASN A 349 -3.90 -25.15 -0.44
N ASP A 350 -3.29 -26.06 0.33
CA ASP A 350 -2.07 -26.76 -0.09
C ASP A 350 -2.22 -27.58 -1.36
N GLU A 351 -3.45 -27.91 -1.72
CA GLU A 351 -3.70 -28.68 -2.93
C GLU A 351 -4.11 -27.77 -4.08
N ASP A 352 -3.89 -26.46 -3.90
CA ASP A 352 -4.22 -25.47 -4.90
C ASP A 352 -5.72 -25.39 -5.22
N ILE A 353 -6.54 -25.65 -4.22
CA ILE A 353 -7.99 -25.58 -4.38
C ILE A 353 -8.54 -24.47 -3.49
N PHE A 354 -9.49 -23.69 -4.01
CA PHE A 354 -10.08 -22.60 -3.25
C PHE A 354 -10.80 -23.12 -2.00
N ASP A 355 -10.49 -22.55 -0.85
CA ASP A 355 -11.18 -22.95 0.38
C ASP A 355 -11.51 -21.74 1.25
N ASP A 356 -11.46 -20.55 0.62
CA ASP A 356 -11.76 -19.28 1.27
C ASP A 356 -10.87 -19.02 2.50
N GLY A 357 -9.70 -19.66 2.52
CA GLY A 357 -8.75 -19.44 3.61
C GLY A 357 -8.91 -20.33 4.81
N TRP A 358 -9.77 -21.34 4.69
CA TRP A 358 -10.00 -22.28 5.79
C TRP A 358 -8.69 -22.88 6.30
N GLN A 359 -7.92 -23.48 5.40
CA GLN A 359 -6.66 -24.11 5.80
C GLN A 359 -5.57 -23.14 6.23
N TRP A 360 -5.42 -22.03 5.50
CA TRP A 360 -4.35 -21.09 5.84
C TRP A 360 -4.55 -20.53 7.25
N SER A 361 -5.78 -20.17 7.60
CA SER A 361 -6.06 -19.63 8.92
C SER A 361 -5.91 -20.68 10.02
N ILE A 362 -6.31 -21.92 9.75
CA ILE A 362 -6.15 -22.97 10.75
C ILE A 362 -4.65 -23.21 11.02
N GLN A 363 -3.85 -23.28 9.97
CA GLN A 363 -2.43 -23.52 10.17
C GLN A 363 -1.73 -22.34 10.88
N THR A 364 -2.14 -21.13 10.54
CA THR A 364 -1.54 -19.94 11.15
C THR A 364 -1.89 -19.85 12.64
N ILE A 365 -3.13 -20.18 12.98
CA ILE A 365 -3.57 -20.16 14.37
C ILE A 365 -2.88 -21.30 15.15
N ASN A 366 -2.90 -22.49 14.57
CA ASN A 366 -2.28 -23.64 15.23
C ASN A 366 -0.78 -23.42 15.46
N GLY A 367 -0.14 -22.70 14.54
CA GLY A 367 1.29 -22.42 14.66
C GLY A 367 1.60 -21.30 15.62
N SER A 368 0.58 -20.58 16.06
CA SER A 368 0.77 -19.49 17.01
C SER A 368 -0.31 -19.65 18.07
N SER A 369 -1.35 -18.82 18.04
CA SER A 369 -2.45 -18.93 19.00
C SER A 369 -3.58 -18.03 18.55
N LEU A 370 -4.78 -18.23 19.09
CA LEU A 370 -5.90 -17.39 18.72
C LEU A 370 -5.65 -15.93 19.06
N ALA A 371 -5.04 -15.69 20.22
CA ALA A 371 -4.75 -14.31 20.63
C ALA A 371 -3.81 -13.63 19.64
N GLN A 372 -2.73 -14.32 19.28
CA GLN A 372 -1.78 -13.76 18.33
C GLN A 372 -2.44 -13.56 16.97
N PHE A 373 -3.27 -14.51 16.56
CA PHE A 373 -3.94 -14.41 15.27
C PHE A 373 -4.90 -13.22 15.27
N ARG A 374 -5.69 -13.09 16.33
CA ARG A 374 -6.64 -11.99 16.38
C ARG A 374 -5.96 -10.64 16.26
N GLN A 375 -4.85 -10.46 16.98
CA GLN A 375 -4.14 -9.19 16.94
C GLN A 375 -3.35 -8.96 15.65
N GLU A 376 -2.56 -9.96 15.25
CA GLU A 376 -1.72 -9.85 14.06
C GLU A 376 -2.42 -10.01 12.72
N HIS A 377 -3.50 -10.79 12.68
CA HIS A 377 -4.17 -11.02 11.40
C HIS A 377 -5.61 -10.52 11.25
N THR A 378 -6.27 -10.17 12.35
CA THR A 378 -7.63 -9.67 12.24
C THR A 378 -7.74 -8.23 12.77
N ALA A 379 -6.58 -7.61 13.02
CA ALA A 379 -6.49 -6.24 13.50
C ALA A 379 -7.33 -5.96 14.75
N ALA A 380 -7.38 -6.93 15.66
CA ALA A 380 -8.12 -6.78 16.90
C ALA A 380 -7.24 -6.13 17.95
N PHE A 381 -7.87 -5.48 18.92
CA PHE A 381 -7.14 -4.81 19.98
C PHE A 381 -7.06 -5.68 21.23
N GLU A 382 -7.54 -6.92 21.11
CA GLU A 382 -7.53 -7.89 22.21
C GLU A 382 -8.19 -7.35 23.47
#